data_4L2H
#
_entry.id   4L2H
#
_cell.length_a   55.928
_cell.length_b   75.713
_cell.length_c   138.957
_cell.angle_alpha   90.00
_cell.angle_beta   90.00
_cell.angle_gamma   90.00
#
_symmetry.space_group_name_H-M   'P 21 21 21'
#
loop_
_entity.id
_entity.type
_entity.pdbx_description
1 polymer 'Poly(ADP-ribose) glycohydrolase'
2 non-polymer '[(2R,3S,4R,5R)-5-(6-AMINOPURIN-9-YL)-3,4-DIHYDROXY-OXOLAN-2-YL]METHYL [HYDROXY-[[(2R,3S,4R,5S)-3,4,5-TRIHYDROXYOXOLAN-2-YL]METHOXY]PHOSPHORYL] HYDROGEN PHOSPHATE'
3 water water
#
_entity_poly.entity_id   1
_entity_poly.type   'polypeptide(L)'
_entity_poly.pdbx_seq_one_letter_code
;MGSSHHHHHHSSGLVPRGSHMIEAEKQENKKIQDYQFPLPQKNSELWIIQKKTLQDLSSGKQKLDSFQSLESILEILRDS
KNQNDEKYFNLKAVFEQLDKEEQTYFLEQFIPKICQLVLKIKKKQLKNQIPKESKIYEAAFSREEISYYVSCMFLCILKD
QDRKIYKDFRLIYLKDLVQQINIRRQEKIKCFYEYLKQALDFSEKESKEVVIFQRINCGQLEDYENWVDKLKAIKLKNVQ
LTDDKLIEDFPGTLQVDFANCDIGGGILGNGLVQEQIRFCVCPEMLVSLLVFDQSMEANEVIIMKGIKQYSDYQGYSNSF
RFVKMGNSKIQKQKRNNPQTILAIDALCFNSSDNQFSEVNVSRELNKSYMGFKQEDQLKTISTGKWGCGAFLGVFDLKFA
IQWIASSRSNKKMIICTFQDEQTTKQIQQVFDLYKQKNASIFLKLVMDYPNSKYMEDYTLLEYLIELGKEKATSKNS
;
_entity_poly.pdbx_strand_id   A
#
loop_
_chem_comp.id
_chem_comp.type
_chem_comp.name
_chem_comp.formula
AR6 non-polymer '[(2R,3S,4R,5R)-5-(6-AMINOPURIN-9-YL)-3,4-DIHYDROXY-OXOLAN-2-YL]METHYL [HYDROXY-[[(2R,3S,4R,5S)-3,4,5-TRIHYDROXYOXOLAN-2-YL]METHOXY]PHOSPHORYL] HYDROGEN PHOSPHATE' 'C15 H23 N5 O14 P2'
#
# COMPACT_ATOMS: atom_id res chain seq x y z
N ASP A 34 16.82 -0.22 18.38
CA ASP A 34 15.59 -0.05 17.53
C ASP A 34 15.26 1.42 17.45
N TYR A 35 14.95 1.89 16.26
CA TYR A 35 14.48 3.27 16.10
C TYR A 35 13.08 3.37 16.68
N GLN A 36 12.82 4.49 17.35
CA GLN A 36 11.51 4.79 17.87
C GLN A 36 10.99 6.03 17.21
N PHE A 37 9.91 5.85 16.44
CA PHE A 37 9.33 7.03 15.75
C PHE A 37 8.58 7.82 16.85
N PRO A 38 8.85 9.13 17.00
CA PRO A 38 8.25 9.88 18.12
C PRO A 38 6.78 10.26 17.85
N LEU A 39 5.90 10.05 18.79
CA LEU A 39 4.53 10.54 18.79
C LEU A 39 4.53 11.88 19.51
N PRO A 40 3.37 12.59 19.48
CA PRO A 40 3.46 13.98 19.98
C PRO A 40 3.89 14.10 21.46
N GLN A 41 3.53 13.12 22.28
CA GLN A 41 3.92 13.22 23.66
C GLN A 41 5.39 13.21 23.93
N LYS A 42 6.17 12.70 22.97
CA LYS A 42 7.60 12.60 23.19
C LYS A 42 8.23 13.97 23.44
N ASN A 43 7.78 15.01 22.73
CA ASN A 43 8.23 16.36 22.94
C ASN A 43 7.32 16.94 24.02
N SER A 44 7.79 16.79 25.28
CA SER A 44 6.87 17.07 26.39
C SER A 44 6.48 18.54 26.40
N GLU A 45 7.40 19.44 26.09
CA GLU A 45 7.08 20.84 26.17
C GLU A 45 6.09 21.31 25.12
N LEU A 46 6.29 20.88 23.86
CA LEU A 46 5.31 21.18 22.81
C LEU A 46 3.95 20.51 23.08
N TRP A 47 3.97 19.31 23.65
CA TRP A 47 2.75 18.63 23.93
C TRP A 47 1.86 19.40 24.95
N ILE A 48 2.47 20.17 25.90
CA ILE A 48 1.63 21.00 26.77
C ILE A 48 0.68 21.85 25.91
N ILE A 49 1.27 22.49 24.91
CA ILE A 49 0.54 23.38 24.02
C ILE A 49 -0.44 22.63 23.13
N GLN A 50 0.04 21.54 22.53
CA GLN A 50 -0.84 20.81 21.62
C GLN A 50 -2.03 20.19 22.38
N LYS A 51 -1.80 19.66 23.57
CA LYS A 51 -2.85 19.06 24.28
C LYS A 51 -3.98 20.04 24.58
N LYS A 52 -3.63 21.24 25.05
CA LYS A 52 -4.64 22.27 25.34
C LYS A 52 -5.40 22.68 24.08
N THR A 53 -4.65 22.82 22.98
CA THR A 53 -5.28 23.17 21.70
C THR A 53 -6.34 22.12 21.29
N LEU A 54 -5.90 20.89 21.34
CA LEU A 54 -6.73 19.77 21.02
C LEU A 54 -7.96 19.64 21.95
N GLN A 55 -7.73 19.79 23.27
N GLN A 55 -7.73 19.84 23.25
CA GLN A 55 -8.82 19.63 24.25
CA GLN A 55 -8.80 19.66 24.22
C GLN A 55 -9.88 20.71 24.05
C GLN A 55 -9.88 20.72 23.99
N ASP A 56 -9.47 21.96 23.80
CA ASP A 56 -10.48 23.02 23.65
C ASP A 56 -11.28 22.80 22.36
N LEU A 57 -10.66 22.26 21.31
CA LEU A 57 -11.48 21.86 20.17
C LEU A 57 -12.43 20.73 20.42
N SER A 58 -11.90 19.68 21.03
CA SER A 58 -12.71 18.51 21.38
CA SER A 58 -12.70 18.50 21.35
C SER A 58 -13.92 18.86 22.19
N SER A 59 -13.74 19.76 23.18
CA SER A 59 -14.80 20.06 24.14
C SER A 59 -15.78 21.02 23.61
N GLY A 60 -15.40 21.73 22.53
CA GLY A 60 -16.17 22.82 22.02
C GLY A 60 -15.89 24.16 22.67
N LYS A 61 -14.93 24.24 23.59
CA LYS A 61 -14.55 25.45 24.18
C LYS A 61 -14.05 26.48 23.18
N GLN A 62 -13.26 26.02 22.20
CA GLN A 62 -13.01 26.80 20.98
C GLN A 62 -13.89 26.16 19.89
N LYS A 63 -14.66 26.99 19.19
CA LYS A 63 -15.52 26.60 18.11
CA LYS A 63 -15.54 26.59 18.09
C LYS A 63 -14.94 27.21 16.81
N LEU A 64 -14.61 26.37 15.84
CA LEU A 64 -14.11 26.88 14.59
C LEU A 64 -15.22 27.46 13.72
N ASP A 65 -15.03 28.67 13.24
CA ASP A 65 -16.07 29.29 12.48
C ASP A 65 -15.80 29.44 11.00
N SER A 66 -14.61 29.11 10.57
CA SER A 66 -14.19 29.28 9.17
C SER A 66 -13.06 28.30 8.88
N PHE A 67 -12.79 28.12 7.60
CA PHE A 67 -11.58 27.35 7.23
C PHE A 67 -10.30 28.06 7.69
N GLN A 68 -10.26 29.40 7.64
CA GLN A 68 -9.11 30.09 8.12
C GLN A 68 -8.82 29.82 9.58
N SER A 69 -9.86 29.66 10.38
CA SER A 69 -9.66 29.28 11.80
C SER A 69 -9.08 27.90 11.96
N LEU A 70 -9.41 26.99 11.05
CA LEU A 70 -8.77 25.69 11.05
C LEU A 70 -7.31 25.77 10.68
N GLU A 71 -7.00 26.57 9.62
CA GLU A 71 -5.58 26.82 9.32
C GLU A 71 -4.82 27.25 10.55
N SER A 72 -5.42 28.18 11.30
CA SER A 72 -4.75 28.69 12.50
CA SER A 72 -4.73 28.67 12.48
C SER A 72 -4.44 27.61 13.55
N ILE A 73 -5.37 26.69 13.73
CA ILE A 73 -5.11 25.64 14.67
C ILE A 73 -4.07 24.65 14.13
N LEU A 74 -4.12 24.36 12.81
CA LEU A 74 -3.07 23.47 12.23
C LEU A 74 -1.63 24.06 12.36
N GLU A 75 -1.55 25.39 12.22
CA GLU A 75 -0.31 26.12 12.41
C GLU A 75 0.24 25.99 13.81
N ILE A 76 -0.67 26.05 14.80
CA ILE A 76 -0.25 25.84 16.19
C ILE A 76 0.21 24.40 16.39
N LEU A 77 -0.56 23.44 15.88
CA LEU A 77 -0.21 22.05 16.12
C LEU A 77 1.12 21.69 15.51
N ARG A 78 1.43 22.23 14.34
CA ARG A 78 2.67 21.98 13.61
CA ARG A 78 2.68 21.80 13.69
C ARG A 78 3.85 22.68 14.14
N ASP A 79 3.59 23.62 15.02
CA ASP A 79 4.56 24.59 15.51
C ASP A 79 5.24 25.31 14.34
N SER A 80 4.38 25.79 13.44
CA SER A 80 4.88 26.61 12.36
C SER A 80 5.59 27.88 12.77
N LYS A 81 6.54 28.30 11.92
CA LYS A 81 7.18 29.64 12.10
C LYS A 81 6.57 30.80 11.27
N ASN A 82 6.02 30.41 10.14
CA ASN A 82 5.63 31.42 9.11
C ASN A 82 4.25 31.20 8.60
N GLN A 83 3.54 32.25 8.22
CA GLN A 83 2.19 32.04 7.73
C GLN A 83 2.23 32.09 6.19
N ASN A 84 1.65 31.07 5.58
CA ASN A 84 1.60 30.91 4.14
C ASN A 84 0.36 30.04 3.90
N ASP A 85 -0.69 30.65 3.43
CA ASP A 85 -1.93 29.87 3.30
C ASP A 85 -1.82 28.83 2.21
N GLU A 86 -0.83 28.97 1.29
CA GLU A 86 -0.67 27.89 0.34
C GLU A 86 -0.38 26.54 1.03
N LYS A 87 0.00 26.56 2.32
CA LYS A 87 0.28 25.31 3.06
C LYS A 87 -0.96 24.42 3.16
N TYR A 88 -2.17 24.99 3.03
CA TYR A 88 -3.40 24.23 3.18
C TYR A 88 -4.29 24.21 1.94
N PHE A 89 -3.72 24.60 0.80
CA PHE A 89 -4.44 24.74 -0.45
C PHE A 89 -5.28 23.51 -0.83
N ASN A 90 -4.69 22.31 -0.76
CA ASN A 90 -5.40 21.14 -1.19
C ASN A 90 -6.50 20.70 -0.19
N LEU A 91 -6.21 20.93 1.08
CA LEU A 91 -7.24 20.61 2.09
C LEU A 91 -8.41 21.57 1.90
N LYS A 92 -8.09 22.85 1.65
CA LYS A 92 -9.13 23.88 1.42
C LYS A 92 -10.01 23.51 0.17
N ALA A 93 -9.35 23.01 -0.89
CA ALA A 93 -10.08 22.61 -2.07
C ALA A 93 -11.11 21.53 -1.79
N VAL A 94 -10.69 20.53 -1.00
CA VAL A 94 -11.64 19.46 -0.64
C VAL A 94 -12.82 20.05 0.19
N PHE A 95 -12.47 20.90 1.17
CA PHE A 95 -13.47 21.54 2.04
C PHE A 95 -14.44 22.36 1.23
N GLU A 96 -13.93 23.14 0.24
CA GLU A 96 -14.81 24.02 -0.54
C GLU A 96 -15.67 23.26 -1.50
N GLN A 97 -15.32 21.99 -1.77
CA GLN A 97 -16.26 21.13 -2.54
C GLN A 97 -17.41 20.54 -1.79
N LEU A 98 -17.31 20.55 -0.48
CA LEU A 98 -18.44 20.10 0.37
C LEU A 98 -19.57 21.09 0.31
N ASP A 99 -20.78 20.57 0.54
CA ASP A 99 -21.89 21.52 0.71
C ASP A 99 -21.85 22.29 2.02
N LYS A 100 -22.67 23.35 2.17
CA LYS A 100 -22.54 24.23 3.37
C LYS A 100 -22.85 23.43 4.64
N GLU A 101 -23.79 22.48 4.62
CA GLU A 101 -24.06 21.67 5.82
C GLU A 101 -22.84 20.83 6.16
N GLU A 102 -22.22 20.20 5.19
CA GLU A 102 -21.05 19.36 5.52
CA GLU A 102 -21.03 19.36 5.33
C GLU A 102 -19.83 20.23 5.84
N GLN A 103 -19.71 21.47 5.34
CA GLN A 103 -18.65 22.39 5.84
C GLN A 103 -18.82 22.64 7.34
N THR A 104 -20.05 22.88 7.77
CA THR A 104 -20.34 23.10 9.21
C THR A 104 -19.97 21.82 9.99
N TYR A 105 -20.40 20.67 9.49
CA TYR A 105 -20.04 19.39 10.08
C TYR A 105 -18.53 19.24 10.23
N PHE A 106 -17.81 19.54 9.18
CA PHE A 106 -16.36 19.39 9.14
C PHE A 106 -15.70 20.20 10.22
N LEU A 107 -16.12 21.46 10.37
CA LEU A 107 -15.53 22.37 11.35
C LEU A 107 -15.94 22.09 12.82
N GLU A 108 -17.23 21.89 12.98
CA GLU A 108 -17.82 21.83 14.30
C GLU A 108 -17.90 20.43 14.95
N GLN A 109 -17.85 19.38 14.13
CA GLN A 109 -17.96 18.00 14.59
C GLN A 109 -16.77 17.14 14.24
N PHE A 110 -16.35 17.10 12.96
CA PHE A 110 -15.28 16.22 12.52
C PHE A 110 -13.98 16.60 13.10
N ILE A 111 -13.54 17.85 12.94
CA ILE A 111 -12.26 18.23 13.53
C ILE A 111 -12.20 17.99 15.04
N PRO A 112 -13.21 18.46 15.76
CA PRO A 112 -13.22 18.17 17.22
C PRO A 112 -13.12 16.70 17.53
N LYS A 113 -13.86 15.86 16.80
CA LYS A 113 -13.81 14.41 17.07
C LYS A 113 -12.53 13.74 16.76
N ILE A 114 -11.81 14.21 15.74
CA ILE A 114 -10.51 13.61 15.51
C ILE A 114 -9.46 14.17 16.45
N CYS A 115 -9.64 15.40 16.94
CA CYS A 115 -8.79 15.87 18.07
C CYS A 115 -8.96 14.98 19.30
N GLN A 116 -10.19 14.59 19.56
CA GLN A 116 -10.51 13.68 20.69
C GLN A 116 -9.82 12.34 20.48
N LEU A 117 -9.78 11.82 19.26
CA LEU A 117 -9.01 10.57 19.01
C LEU A 117 -7.55 10.75 19.34
N VAL A 118 -6.93 11.86 18.90
CA VAL A 118 -5.51 12.09 19.25
C VAL A 118 -5.28 12.09 20.76
N LEU A 119 -6.22 12.68 21.50
CA LEU A 119 -6.16 12.71 22.97
C LEU A 119 -6.31 11.36 23.60
N LYS A 120 -6.78 10.34 22.90
CA LYS A 120 -6.77 8.98 23.42
C LYS A 120 -5.48 8.22 23.36
N ILE A 121 -4.52 8.72 22.59
CA ILE A 121 -3.18 8.08 22.43
C ILE A 121 -2.49 8.04 23.81
N LYS A 122 -1.95 6.86 24.17
CA LYS A 122 -1.18 6.71 25.40
C LYS A 122 0.31 6.55 25.18
N LYS A 123 0.68 6.14 23.98
CA LYS A 123 2.08 5.89 23.65
C LYS A 123 2.79 7.19 23.36
N LYS A 124 4.08 7.23 23.60
CA LYS A 124 4.93 8.35 23.27
C LYS A 124 5.80 8.13 22.01
N GLN A 125 5.86 6.88 21.57
CA GLN A 125 6.68 6.52 20.41
C GLN A 125 6.26 5.12 19.91
N LEU A 126 6.66 4.79 18.68
CA LEU A 126 6.29 3.50 18.09
C LEU A 126 7.59 2.81 17.58
N LYS A 127 7.70 1.54 17.99
CA LYS A 127 8.94 0.80 17.71
C LYS A 127 9.09 0.44 16.24
N ASN A 128 10.29 0.71 15.69
CA ASN A 128 10.65 0.36 14.35
C ASN A 128 11.79 -0.65 14.38
N GLN A 129 11.47 -1.91 14.47
CA GLN A 129 12.46 -2.97 14.67
C GLN A 129 12.76 -3.64 13.35
N ILE A 130 14.04 -3.95 13.15
CA ILE A 130 14.48 -4.82 12.04
C ILE A 130 14.68 -6.25 12.61
N PRO A 131 13.84 -7.23 12.17
CA PRO A 131 13.97 -8.57 12.74
C PRO A 131 15.27 -9.24 12.35
N LYS A 132 15.75 -10.09 13.22
CA LYS A 132 16.92 -10.90 12.93
C LYS A 132 16.56 -11.96 11.88
N GLU A 133 17.60 -12.67 11.40
CA GLU A 133 17.39 -13.69 10.35
C GLU A 133 16.31 -14.67 10.78
N SER A 134 15.37 -14.93 9.84
CA SER A 134 14.26 -15.85 10.06
C SER A 134 13.25 -15.54 11.18
N LYS A 135 13.26 -14.26 11.63
CA LYS A 135 12.36 -13.74 12.64
C LYS A 135 11.41 -12.71 12.01
N ILE A 136 10.35 -12.41 12.73
CA ILE A 136 9.39 -11.42 12.42
C ILE A 136 9.32 -10.32 13.47
N TYR A 137 9.10 -9.10 12.99
CA TYR A 137 8.63 -7.95 13.81
C TYR A 137 7.15 -7.73 13.54
N GLU A 138 6.33 -8.04 14.55
CA GLU A 138 4.87 -7.90 14.47
C GLU A 138 4.48 -6.67 15.34
N ALA A 139 3.68 -5.78 14.74
CA ALA A 139 3.12 -4.59 15.36
C ALA A 139 1.60 -4.68 15.25
N ALA A 140 0.92 -4.97 16.35
CA ALA A 140 -0.51 -5.12 16.39
C ALA A 140 -1.15 -3.90 17.01
N PHE A 141 -2.32 -3.60 16.50
CA PHE A 141 -3.08 -2.44 16.95
C PHE A 141 -4.55 -2.75 16.93
N SER A 142 -5.38 -2.13 17.76
CA SER A 142 -6.79 -2.19 17.55
C SER A 142 -7.18 -1.27 16.37
N ARG A 143 -8.34 -1.54 15.79
CA ARG A 143 -8.80 -0.76 14.63
C ARG A 143 -8.99 0.68 15.06
N GLU A 144 -9.49 0.95 16.28
CA GLU A 144 -9.62 2.35 16.72
C GLU A 144 -8.26 2.98 16.92
N GLU A 145 -7.27 2.26 17.46
CA GLU A 145 -5.92 2.84 17.63
C GLU A 145 -5.38 3.32 16.27
N ILE A 146 -5.57 2.51 15.26
CA ILE A 146 -5.13 2.92 13.92
C ILE A 146 -5.69 4.31 13.58
N SER A 147 -6.99 4.50 13.83
CA SER A 147 -7.60 5.76 13.60
C SER A 147 -7.03 6.93 14.38
N TYR A 148 -6.48 6.68 15.56
CA TYR A 148 -5.85 7.73 16.34
C TYR A 148 -4.62 8.24 15.61
N TYR A 149 -3.84 7.30 15.08
CA TYR A 149 -2.62 7.67 14.37
C TYR A 149 -2.89 8.34 13.00
N VAL A 150 -3.91 7.86 12.28
CA VAL A 150 -4.31 8.55 11.04
C VAL A 150 -4.83 9.94 11.31
N SER A 151 -5.48 10.15 12.42
CA SER A 151 -5.89 11.47 12.85
C SER A 151 -4.71 12.40 13.10
N CYS A 152 -3.64 11.86 13.71
CA CYS A 152 -2.37 12.58 13.83
C CYS A 152 -1.85 13.04 12.46
N MET A 153 -1.95 12.16 11.47
CA MET A 153 -1.51 12.48 10.12
C MET A 153 -2.34 13.65 9.53
N PHE A 154 -3.65 13.60 9.76
CA PHE A 154 -4.56 14.61 9.25
C PHE A 154 -4.29 15.97 9.88
N LEU A 155 -3.85 15.97 11.16
CA LEU A 155 -3.62 17.20 11.90
C LEU A 155 -2.15 17.65 11.85
N CYS A 156 -1.34 16.98 11.03
CA CYS A 156 0.03 17.40 10.77
C CYS A 156 0.90 17.48 12.05
N ILE A 157 0.81 16.44 12.89
CA ILE A 157 1.59 16.36 14.11
C ILE A 157 2.59 15.21 14.23
N LEU A 158 2.89 14.53 13.12
CA LEU A 158 3.85 13.42 13.12
C LEU A 158 5.13 13.80 12.45
N LYS A 159 6.08 14.23 13.23
CA LYS A 159 7.39 14.48 12.67
C LYS A 159 8.50 14.26 13.69
N ASP A 160 9.57 13.73 13.17
CA ASP A 160 10.78 13.54 13.94
C ASP A 160 11.69 14.75 13.64
N GLN A 161 11.75 15.65 14.63
CA GLN A 161 12.45 16.92 14.40
C GLN A 161 13.97 16.73 14.32
N ASP A 162 14.52 15.74 15.04
CA ASP A 162 15.98 15.38 14.97
C ASP A 162 16.38 14.86 13.59
N ARG A 163 15.58 13.98 13.04
CA ARG A 163 15.84 13.46 11.70
C ARG A 163 15.30 14.34 10.54
N LYS A 164 14.51 15.34 10.85
CA LYS A 164 13.84 16.17 9.83
C LYS A 164 13.03 15.33 8.84
N ILE A 165 12.22 14.43 9.39
CA ILE A 165 11.34 13.51 8.64
C ILE A 165 9.96 13.68 9.17
N TYR A 166 9.00 13.78 8.26
CA TYR A 166 7.61 13.84 8.67
C TYR A 166 6.82 12.68 8.08
N LYS A 167 5.78 12.24 8.79
CA LYS A 167 4.95 11.14 8.36
C LYS A 167 3.48 11.53 8.54
N ASP A 168 3.14 12.69 7.98
CA ASP A 168 1.81 13.21 8.02
C ASP A 168 1.43 13.83 6.69
N PHE A 169 0.26 14.53 6.67
CA PHE A 169 -0.33 14.99 5.42
C PHE A 169 0.16 16.38 4.96
N ARG A 170 1.21 16.91 5.59
CA ARG A 170 1.59 18.29 5.32
C ARG A 170 1.94 18.55 3.82
N LEU A 171 2.59 17.60 3.15
CA LEU A 171 2.92 17.81 1.75
C LEU A 171 1.71 17.69 0.88
N ILE A 172 0.85 16.71 1.14
CA ILE A 172 -0.37 16.58 0.40
CA ILE A 172 -0.35 16.63 0.33
C ILE A 172 -1.23 17.85 0.47
N TYR A 173 -1.24 18.50 1.62
CA TYR A 173 -1.99 19.75 1.80
C TYR A 173 -1.46 20.93 1.00
N LEU A 174 -0.13 20.96 0.79
CA LEU A 174 0.60 22.06 0.19
C LEU A 174 0.32 22.25 -1.27
N LYS A 175 0.16 23.50 -1.72
CA LYS A 175 0.03 23.79 -3.17
C LYS A 175 1.32 23.52 -3.93
N ASP A 176 1.17 22.66 -4.92
CA ASP A 176 2.18 22.38 -5.93
C ASP A 176 2.01 23.36 -7.09
N LEU A 177 3.10 23.53 -7.81
CA LEU A 177 3.09 24.31 -9.02
C LEU A 177 2.34 23.64 -10.17
N VAL A 178 2.20 22.33 -10.21
CA VAL A 178 1.56 21.61 -11.29
C VAL A 178 0.14 21.23 -10.85
N GLN A 179 -0.86 21.68 -11.59
CA GLN A 179 -2.24 21.50 -11.34
C GLN A 179 -2.63 20.05 -11.12
N GLN A 180 -2.11 19.17 -11.95
N GLN A 180 -2.13 19.18 -11.97
CA GLN A 180 -2.54 17.76 -11.87
CA GLN A 180 -2.51 17.77 -11.88
C GLN A 180 -2.03 17.13 -10.54
C GLN A 180 -2.01 17.13 -10.56
N ILE A 181 -0.91 17.60 -10.04
CA ILE A 181 -0.36 17.13 -8.79
C ILE A 181 -1.26 17.60 -7.66
N ASN A 182 -1.77 18.80 -7.69
CA ASN A 182 -2.77 19.21 -6.70
C ASN A 182 -3.98 18.35 -6.74
N ILE A 183 -4.49 18.03 -7.92
CA ILE A 183 -5.69 17.16 -8.01
C ILE A 183 -5.36 15.79 -7.42
N ARG A 184 -4.21 15.22 -7.70
CA ARG A 184 -3.87 13.93 -7.07
C ARG A 184 -3.95 14.07 -5.56
N ARG A 185 -3.35 15.12 -5.03
CA ARG A 185 -3.31 15.33 -3.59
C ARG A 185 -4.68 15.50 -2.99
N GLN A 186 -5.57 16.26 -3.65
CA GLN A 186 -6.94 16.45 -3.21
C GLN A 186 -7.68 15.13 -3.18
N GLU A 187 -7.51 14.29 -4.19
CA GLU A 187 -8.21 13.06 -4.28
C GLU A 187 -7.79 12.07 -3.15
N LYS A 188 -6.52 12.10 -2.80
CA LYS A 188 -6.01 11.37 -1.70
C LYS A 188 -6.66 11.86 -0.40
N ILE A 189 -6.71 13.13 -0.16
CA ILE A 189 -7.36 13.74 0.99
C ILE A 189 -8.76 13.22 1.10
N LYS A 190 -9.54 13.25 0.02
CA LYS A 190 -10.88 12.75 0.07
C LYS A 190 -10.99 11.31 0.59
N CYS A 191 -10.09 10.47 0.18
CA CYS A 191 -10.07 9.07 0.67
C CYS A 191 -9.75 8.99 2.14
N PHE A 192 -8.81 9.79 2.63
CA PHE A 192 -8.45 9.76 4.00
C PHE A 192 -9.58 10.32 4.85
N TYR A 193 -10.20 11.39 4.43
CA TYR A 193 -11.37 11.99 5.08
C TYR A 193 -12.56 10.99 5.20
N GLU A 194 -12.83 10.29 4.15
CA GLU A 194 -13.90 9.30 4.13
C GLU A 194 -13.61 8.22 5.17
N TYR A 195 -12.40 7.68 5.20
CA TYR A 195 -11.99 6.70 6.23
C TYR A 195 -12.17 7.24 7.60
N LEU A 196 -11.72 8.44 7.88
CA LEU A 196 -11.82 8.97 9.24
C LEU A 196 -13.28 9.17 9.65
N LYS A 197 -14.15 9.61 8.75
CA LYS A 197 -15.62 9.66 9.02
C LYS A 197 -16.14 8.28 9.44
N GLN A 198 -15.73 7.26 8.71
CA GLN A 198 -16.17 5.94 9.02
C GLN A 198 -15.65 5.46 10.39
N ALA A 199 -14.38 5.75 10.66
CA ALA A 199 -13.71 5.35 11.89
C ALA A 199 -14.42 6.02 13.10
N LEU A 200 -14.93 7.23 12.93
CA LEU A 200 -15.64 7.93 14.01
C LEU A 200 -16.92 7.21 14.39
N ASP A 201 -17.47 6.44 13.46
CA ASP A 201 -18.71 5.73 13.67
C ASP A 201 -18.55 4.21 14.02
N PHE A 202 -17.32 3.73 14.23
CA PHE A 202 -17.13 2.35 14.60
C PHE A 202 -17.96 1.93 15.83
N SER A 203 -18.59 0.78 15.71
CA SER A 203 -19.18 0.12 16.83
C SER A 203 -18.06 -0.26 17.82
N GLU A 204 -18.41 -0.63 19.07
CA GLU A 204 -17.44 -1.15 20.05
C GLU A 204 -16.82 -2.42 19.48
N LYS A 205 -17.61 -3.27 18.85
CA LYS A 205 -16.98 -4.46 18.26
C LYS A 205 -15.97 -4.21 17.16
N GLU A 206 -16.33 -3.34 16.21
CA GLU A 206 -15.39 -3.03 15.12
C GLU A 206 -14.16 -2.34 15.66
N SER A 207 -14.33 -1.42 16.63
CA SER A 207 -13.24 -0.68 17.20
CA SER A 207 -13.24 -0.67 17.25
C SER A 207 -12.13 -1.54 17.84
N LYS A 208 -12.51 -2.70 18.43
CA LYS A 208 -11.57 -3.57 19.09
C LYS A 208 -11.00 -4.69 18.24
N GLU A 209 -11.39 -4.77 16.98
CA GLU A 209 -10.74 -5.69 16.01
C GLU A 209 -9.27 -5.39 15.88
N VAL A 210 -8.52 -6.42 15.53
CA VAL A 210 -7.05 -6.33 15.47
C VAL A 210 -6.62 -6.13 14.03
N VAL A 211 -5.75 -5.18 13.88
CA VAL A 211 -4.98 -4.92 12.63
C VAL A 211 -3.52 -5.25 12.96
N ILE A 212 -2.89 -6.05 12.09
CA ILE A 212 -1.52 -6.50 12.35
C ILE A 212 -0.60 -6.19 11.18
N PHE A 213 0.52 -5.62 11.47
CA PHE A 213 1.60 -5.41 10.48
C PHE A 213 2.75 -6.36 10.84
N GLN A 214 3.30 -7.08 9.84
CA GLN A 214 4.43 -7.95 10.01
C GLN A 214 5.54 -7.60 9.03
N ARG A 215 6.75 -7.42 9.57
CA ARG A 215 7.97 -7.32 8.82
C ARG A 215 8.69 -8.66 8.97
N ILE A 216 8.76 -9.45 7.86
CA ILE A 216 9.17 -10.85 7.93
C ILE A 216 10.51 -11.04 7.28
N ASN A 217 11.52 -11.48 8.06
CA ASN A 217 12.80 -11.85 7.49
C ASN A 217 12.68 -13.34 7.14
N CYS A 218 12.92 -13.64 5.87
CA CYS A 218 12.67 -14.94 5.29
C CYS A 218 13.93 -15.82 5.17
N GLY A 219 15.01 -15.41 5.81
CA GLY A 219 16.23 -16.20 5.82
C GLY A 219 17.05 -16.12 4.57
N GLN A 220 17.83 -17.18 4.29
CA GLN A 220 18.86 -17.11 3.29
C GLN A 220 18.35 -17.06 1.85
N LEU A 221 18.91 -16.16 1.06
CA LEU A 221 18.59 -16.06 -0.32
C LEU A 221 19.13 -17.35 -0.99
N GLU A 222 18.38 -17.87 -1.92
CA GLU A 222 18.81 -18.98 -2.76
C GLU A 222 19.33 -18.45 -4.09
N ASP A 223 20.50 -18.90 -4.54
CA ASP A 223 21.01 -18.43 -5.85
C ASP A 223 20.33 -19.23 -6.98
N TYR A 224 20.68 -18.87 -8.18
CA TYR A 224 19.97 -19.34 -9.38
C TYR A 224 20.09 -20.87 -9.44
N GLU A 225 21.28 -21.41 -9.28
CA GLU A 225 21.42 -22.85 -9.34
C GLU A 225 20.71 -23.56 -8.22
N ASN A 226 20.61 -22.93 -7.03
CA ASN A 226 19.85 -23.50 -5.92
C ASN A 226 18.34 -23.57 -6.33
N TRP A 227 17.88 -22.51 -6.98
CA TRP A 227 16.50 -22.46 -7.47
C TRP A 227 16.21 -23.59 -8.46
N VAL A 228 17.11 -23.80 -9.41
CA VAL A 228 16.93 -24.85 -10.40
C VAL A 228 16.80 -26.21 -9.68
N ASP A 229 17.61 -26.45 -8.66
CA ASP A 229 17.58 -27.71 -7.88
C ASP A 229 16.29 -27.80 -7.07
N LYS A 230 15.88 -26.71 -6.42
CA LYS A 230 14.66 -26.78 -5.60
C LYS A 230 13.41 -27.01 -6.36
N LEU A 231 13.41 -26.69 -7.63
CA LEU A 231 12.27 -26.86 -8.50
C LEU A 231 12.14 -28.18 -9.17
N LYS A 232 13.10 -29.10 -8.96
CA LYS A 232 13.16 -30.25 -9.79
C LYS A 232 11.99 -31.23 -9.72
N ALA A 233 11.25 -31.23 -8.63
CA ALA A 233 10.06 -32.05 -8.51
C ALA A 233 8.77 -31.19 -8.38
N ILE A 234 8.86 -29.90 -8.69
CA ILE A 234 7.71 -29.02 -8.61
C ILE A 234 7.04 -28.92 -9.96
N LYS A 235 5.71 -29.03 -9.96
CA LYS A 235 4.91 -28.92 -11.12
C LYS A 235 4.17 -27.60 -11.12
N LEU A 236 4.06 -26.99 -12.31
CA LEU A 236 3.39 -25.67 -12.40
C LEU A 236 1.87 -25.81 -12.07
N LYS A 237 1.34 -24.90 -11.29
CA LYS A 237 0.01 -24.93 -10.76
C LYS A 237 -0.95 -23.95 -11.48
N ASN A 238 -2.21 -23.93 -11.02
CA ASN A 238 -3.25 -23.21 -11.74
C ASN A 238 -3.00 -21.73 -11.76
N VAL A 239 -3.32 -21.11 -12.93
CA VAL A 239 -3.43 -19.70 -13.11
C VAL A 239 -4.80 -19.39 -13.68
N GLN A 240 -5.45 -18.37 -13.12
CA GLN A 240 -6.70 -17.79 -13.65
C GLN A 240 -6.40 -16.38 -14.10
N LEU A 241 -6.77 -16.08 -15.36
CA LEU A 241 -6.55 -14.77 -15.94
C LEU A 241 -7.80 -13.93 -15.88
N THR A 242 -7.63 -12.63 -15.61
CA THR A 242 -8.75 -11.69 -15.72
C THR A 242 -8.29 -10.42 -16.33
N ASP A 243 -9.03 -9.94 -17.29
CA ASP A 243 -8.66 -8.69 -17.92
C ASP A 243 -9.51 -7.52 -17.37
N ASP A 244 -10.59 -7.77 -16.64
CA ASP A 244 -11.49 -6.67 -16.22
C ASP A 244 -11.69 -6.51 -14.71
N LYS A 245 -11.05 -7.38 -13.90
CA LYS A 245 -11.05 -7.23 -12.47
C LYS A 245 -9.61 -6.94 -12.01
N LEU A 246 -9.52 -6.32 -10.87
CA LEU A 246 -8.29 -5.88 -10.25
C LEU A 246 -8.00 -6.67 -8.96
N ILE A 247 -6.82 -6.50 -8.42
CA ILE A 247 -6.35 -7.37 -7.34
C ILE A 247 -7.30 -7.31 -6.16
N GLU A 248 -7.77 -6.10 -5.86
CA GLU A 248 -8.64 -5.88 -4.72
C GLU A 248 -10.06 -6.44 -4.89
N ASP A 249 -10.35 -6.97 -6.07
CA ASP A 249 -11.64 -7.59 -6.39
C ASP A 249 -11.71 -9.07 -6.01
N PHE A 250 -10.64 -9.59 -5.40
CA PHE A 250 -10.59 -11.00 -5.05
C PHE A 250 -10.51 -11.28 -3.54
N PRO A 251 -11.62 -11.06 -2.85
CA PRO A 251 -11.63 -11.30 -1.39
C PRO A 251 -11.17 -12.73 -1.06
N GLY A 252 -10.54 -12.88 0.09
CA GLY A 252 -10.17 -14.17 0.54
C GLY A 252 -8.89 -14.74 0.00
N THR A 253 -8.19 -13.98 -0.85
CA THR A 253 -6.92 -14.33 -1.43
C THR A 253 -5.83 -13.49 -0.79
N LEU A 254 -4.60 -13.90 -0.99
CA LEU A 254 -3.43 -13.10 -0.55
C LEU A 254 -3.21 -12.07 -1.68
N GLN A 255 -3.50 -10.84 -1.33
CA GLN A 255 -3.56 -9.76 -2.34
C GLN A 255 -2.24 -8.99 -2.30
N VAL A 256 -1.67 -8.80 -3.46
CA VAL A 256 -0.33 -8.20 -3.58
C VAL A 256 -0.34 -6.67 -3.75
N ASP A 257 0.49 -5.99 -2.97
CA ASP A 257 0.88 -4.59 -3.14
C ASP A 257 2.25 -4.57 -3.80
N PHE A 258 2.29 -3.88 -4.96
CA PHE A 258 3.51 -3.67 -5.82
C PHE A 258 4.30 -2.54 -5.17
N ALA A 259 5.03 -2.92 -4.11
CA ALA A 259 5.58 -1.97 -3.20
C ALA A 259 6.88 -1.31 -3.65
N ASN A 260 7.15 -0.13 -3.09
CA ASN A 260 8.53 0.32 -2.98
C ASN A 260 9.22 -0.37 -1.83
N CYS A 261 10.54 -0.47 -1.89
CA CYS A 261 11.21 -1.02 -0.70
C CYS A 261 10.99 -0.21 0.57
N ASP A 262 10.69 1.07 0.45
CA ASP A 262 10.14 1.90 1.52
C ASP A 262 8.63 1.74 1.44
N ILE A 263 8.02 1.02 2.39
CA ILE A 263 6.59 0.65 2.31
C ILE A 263 5.75 1.91 2.12
N GLY A 264 4.83 1.84 1.14
CA GLY A 264 3.98 2.98 0.81
C GLY A 264 4.54 3.87 -0.28
N GLY A 265 5.85 3.82 -0.52
CA GLY A 265 6.48 4.70 -1.49
C GLY A 265 6.09 6.14 -1.26
N GLY A 266 5.67 6.78 -2.36
CA GLY A 266 5.20 8.16 -2.39
C GLY A 266 3.78 8.43 -1.96
N ILE A 267 3.22 7.60 -1.08
CA ILE A 267 1.86 7.88 -0.60
C ILE A 267 1.65 9.25 0.05
N LEU A 268 2.66 9.72 0.82
CA LEU A 268 2.54 11.02 1.48
C LEU A 268 3.08 12.14 0.59
N GLY A 269 3.37 11.85 -0.67
CA GLY A 269 3.67 12.88 -1.67
C GLY A 269 2.77 12.75 -2.88
N ASN A 270 3.39 12.53 -4.07
CA ASN A 270 2.70 12.56 -5.34
C ASN A 270 2.29 11.22 -5.86
N GLY A 271 2.67 10.14 -5.18
CA GLY A 271 2.45 8.81 -5.73
C GLY A 271 0.99 8.46 -5.83
N LEU A 272 0.60 7.77 -6.91
CA LEU A 272 -0.77 7.46 -7.17
C LEU A 272 -0.88 6.38 -8.24
N VAL A 273 -0.04 5.34 -8.12
CA VAL A 273 -0.14 4.13 -8.89
C VAL A 273 -0.55 2.99 -7.97
N GLN A 274 -0.26 1.72 -8.27
CA GLN A 274 -0.91 0.60 -7.61
C GLN A 274 -0.81 0.64 -6.05
N GLU A 275 0.39 0.86 -5.55
CA GLU A 275 0.60 0.82 -4.13
C GLU A 275 -0.18 1.96 -3.48
N GLN A 276 -0.05 3.14 -3.99
CA GLN A 276 -0.66 4.31 -3.36
C GLN A 276 -2.18 4.28 -3.45
N ILE A 277 -2.73 3.75 -4.55
CA ILE A 277 -4.16 3.61 -4.68
C ILE A 277 -4.65 2.64 -3.59
N ARG A 278 -3.94 1.54 -3.39
CA ARG A 278 -4.33 0.66 -2.33
C ARG A 278 -4.31 1.35 -0.97
N PHE A 279 -3.29 2.14 -0.64
CA PHE A 279 -3.30 2.84 0.64
C PHE A 279 -4.46 3.85 0.72
N CYS A 280 -4.82 4.48 -0.40
CA CYS A 280 -5.94 5.42 -0.41
C CYS A 280 -7.24 4.73 -0.10
N VAL A 281 -7.49 3.58 -0.73
CA VAL A 281 -8.76 2.90 -0.50
C VAL A 281 -8.76 2.18 0.87
N CYS A 282 -7.58 1.85 1.40
CA CYS A 282 -7.40 1.14 2.67
C CYS A 282 -6.43 1.89 3.57
N PRO A 283 -6.88 3.03 4.19
CA PRO A 283 -5.88 3.87 4.87
C PRO A 283 -5.31 3.35 6.18
N GLU A 284 -5.90 2.27 6.67
CA GLU A 284 -5.26 1.61 7.83
C GLU A 284 -3.82 1.21 7.52
N MET A 285 -3.54 0.99 6.27
CA MET A 285 -2.18 0.65 5.81
C MET A 285 -1.18 1.77 6.13
N LEU A 286 -1.67 3.01 6.35
CA LEU A 286 -0.77 4.10 6.62
C LEU A 286 0.10 3.87 7.85
N VAL A 287 -0.42 3.13 8.82
CA VAL A 287 0.38 2.95 10.03
C VAL A 287 1.67 2.14 9.83
N SER A 288 1.73 1.35 8.73
CA SER A 288 2.96 0.70 8.33
C SER A 288 4.15 1.66 8.23
N LEU A 289 3.87 2.90 7.79
CA LEU A 289 4.93 3.88 7.66
C LEU A 289 5.54 4.24 9.00
N LEU A 290 4.78 4.05 10.08
CA LEU A 290 5.22 4.48 11.40
C LEU A 290 5.98 3.40 12.18
N VAL A 291 5.95 2.16 11.66
CA VAL A 291 6.64 1.04 12.25
C VAL A 291 7.73 0.39 11.39
N PHE A 292 7.73 0.72 10.08
CA PHE A 292 8.71 0.12 9.14
C PHE A 292 9.53 1.19 8.42
N ASP A 293 10.20 2.02 9.21
CA ASP A 293 11.02 3.10 8.67
C ASP A 293 12.07 2.66 7.67
N GLN A 294 12.81 1.61 8.00
CA GLN A 294 13.87 1.18 7.15
C GLN A 294 13.39 0.35 5.95
N SER A 295 14.05 0.60 4.81
CA SER A 295 13.81 -0.09 3.54
C SER A 295 13.80 -1.60 3.70
N MET A 296 12.89 -2.29 3.04
CA MET A 296 12.92 -3.76 3.07
C MET A 296 14.21 -4.25 2.39
N GLU A 297 14.86 -5.19 3.07
CA GLU A 297 15.95 -5.97 2.47
C GLU A 297 15.44 -6.96 1.42
N ALA A 298 16.39 -7.50 0.63
CA ALA A 298 16.06 -8.45 -0.42
C ALA A 298 15.34 -9.68 0.05
N ASN A 299 15.60 -10.04 1.32
CA ASN A 299 14.97 -11.22 1.96
C ASN A 299 13.86 -10.91 2.94
N GLU A 300 13.32 -9.70 2.89
CA GLU A 300 12.17 -9.30 3.69
C GLU A 300 10.95 -9.12 2.87
N VAL A 301 9.81 -9.37 3.47
CA VAL A 301 8.52 -9.05 2.95
C VAL A 301 7.70 -8.45 4.07
N ILE A 302 6.61 -7.79 3.69
CA ILE A 302 5.63 -7.22 4.63
C ILE A 302 4.29 -7.86 4.42
N ILE A 303 3.62 -8.23 5.52
CA ILE A 303 2.23 -8.71 5.53
C ILE A 303 1.43 -7.70 6.38
N MET A 304 0.24 -7.38 5.90
CA MET A 304 -0.71 -6.59 6.65
C MET A 304 -2.00 -7.34 6.76
N LYS A 305 -2.52 -7.55 7.99
CA LYS A 305 -3.69 -8.35 8.20
C LYS A 305 -4.78 -7.48 8.84
N GLY A 306 -6.01 -7.77 8.54
CA GLY A 306 -7.17 -7.07 9.10
C GLY A 306 -7.59 -5.83 8.41
N ILE A 307 -7.15 -5.66 7.15
CA ILE A 307 -7.34 -4.39 6.39
C ILE A 307 -8.66 -4.33 5.70
N LYS A 308 -9.42 -3.27 5.96
CA LYS A 308 -10.73 -3.06 5.29
C LYS A 308 -10.61 -2.01 4.20
N GLN A 309 -11.62 -1.93 3.31
CA GLN A 309 -11.61 -0.97 2.23
C GLN A 309 -12.72 0.06 2.49
N TYR A 310 -12.35 1.33 2.53
CA TYR A 310 -13.27 2.39 2.93
C TYR A 310 -13.73 3.26 1.75
N SER A 311 -12.89 3.38 0.73
CA SER A 311 -13.23 4.15 -0.47
C SER A 311 -13.24 3.27 -1.70
N ASP A 312 -14.02 3.71 -2.70
CA ASP A 312 -13.85 3.22 -4.07
C ASP A 312 -13.13 4.29 -4.89
N TYR A 313 -12.85 4.01 -6.17
CA TYR A 313 -12.15 4.94 -6.98
C TYR A 313 -12.45 4.64 -8.43
N GLN A 314 -12.09 5.62 -9.26
CA GLN A 314 -11.99 5.46 -10.71
C GLN A 314 -10.63 6.02 -11.18
N GLY A 315 -10.21 5.62 -12.35
CA GLY A 315 -9.01 6.16 -12.93
C GLY A 315 -7.76 5.69 -12.29
N TYR A 316 -6.68 6.40 -12.56
CA TYR A 316 -5.35 5.94 -12.26
C TYR A 316 -4.40 7.11 -12.36
N SER A 317 -3.44 7.27 -11.46
CA SER A 317 -2.47 8.39 -11.63
C SER A 317 -3.23 9.71 -11.78
N ASN A 318 -3.00 10.49 -12.84
CA ASN A 318 -3.64 11.78 -12.95
C ASN A 318 -5.16 11.73 -13.14
N SER A 319 -5.71 10.58 -13.52
CA SER A 319 -7.13 10.45 -13.66
C SER A 319 -7.78 9.86 -12.42
N PHE A 320 -6.98 9.55 -11.37
CA PHE A 320 -7.57 8.96 -10.16
C PHE A 320 -8.56 9.92 -9.51
N ARG A 321 -9.76 9.42 -9.19
CA ARG A 321 -10.71 10.17 -8.39
C ARG A 321 -11.32 9.25 -7.34
N PHE A 322 -11.50 9.79 -6.17
CA PHE A 322 -12.27 9.15 -5.11
C PHE A 322 -13.71 8.94 -5.54
N VAL A 323 -14.26 7.75 -5.26
CA VAL A 323 -15.60 7.42 -5.51
C VAL A 323 -16.16 6.85 -4.21
N LYS A 324 -17.26 7.43 -3.71
CA LYS A 324 -17.92 6.97 -2.52
C LYS A 324 -18.35 5.51 -2.69
N MET A 325 -18.07 4.68 -1.70
CA MET A 325 -18.48 3.27 -1.78
CA MET A 325 -18.50 3.27 -1.77
C MET A 325 -19.99 3.17 -1.75
N GLY A 326 -20.50 2.35 -2.63
CA GLY A 326 -21.95 2.15 -2.75
C GLY A 326 -22.43 1.17 -1.75
N ASN A 327 -23.70 0.82 -1.90
CA ASN A 327 -24.41 0.02 -0.91
C ASN A 327 -24.86 -1.33 -1.42
N SER A 328 -24.24 -1.84 -2.48
CA SER A 328 -24.53 -3.21 -2.92
C SER A 328 -23.95 -4.18 -1.93
N LYS A 329 -24.33 -5.45 -2.12
CA LYS A 329 -23.84 -6.48 -1.22
C LYS A 329 -22.29 -6.57 -1.29
N ILE A 330 -21.73 -6.60 -2.49
CA ILE A 330 -20.25 -6.70 -2.71
C ILE A 330 -19.55 -5.45 -2.12
N GLN A 331 -20.14 -4.25 -2.29
CA GLN A 331 -19.53 -3.01 -1.76
C GLN A 331 -19.55 -2.99 -0.22
N LYS A 332 -20.64 -3.46 0.42
CA LYS A 332 -20.68 -3.62 1.86
C LYS A 332 -19.64 -4.63 2.34
N GLN A 333 -19.45 -5.69 1.59
CA GLN A 333 -18.42 -6.63 1.88
C GLN A 333 -17.01 -6.07 1.81
N LYS A 334 -16.73 -5.21 0.84
CA LYS A 334 -15.42 -4.51 0.78
C LYS A 334 -15.16 -3.70 2.05
N ARG A 335 -16.21 -3.03 2.50
CA ARG A 335 -16.11 -2.21 3.69
C ARG A 335 -15.94 -3.05 4.99
N ASN A 336 -16.67 -4.18 5.06
CA ASN A 336 -16.82 -4.92 6.29
C ASN A 336 -15.97 -6.14 6.48
N ASN A 337 -15.34 -6.63 5.42
CA ASN A 337 -14.67 -7.90 5.52
C ASN A 337 -13.14 -7.76 5.33
N PRO A 338 -12.38 -7.99 6.39
CA PRO A 338 -10.97 -7.68 6.34
C PRO A 338 -10.17 -8.61 5.43
N GLN A 339 -9.13 -8.07 4.85
CA GLN A 339 -8.25 -8.82 3.95
C GLN A 339 -6.82 -8.74 4.42
N THR A 340 -6.00 -9.66 3.88
CA THR A 340 -4.56 -9.74 4.10
C THR A 340 -3.85 -9.36 2.81
N ILE A 341 -2.88 -8.45 2.95
CA ILE A 341 -2.08 -7.92 1.89
C ILE A 341 -0.63 -8.30 2.10
N LEU A 342 -0.01 -8.70 0.98
CA LEU A 342 1.42 -8.96 0.86
C LEU A 342 2.09 -7.83 0.10
N ALA A 343 3.04 -7.15 0.71
CA ALA A 343 3.81 -6.09 0.08
C ALA A 343 5.18 -6.66 -0.27
N ILE A 344 5.43 -6.71 -1.57
CA ILE A 344 6.72 -7.10 -2.12
C ILE A 344 7.16 -6.05 -3.17
N ASP A 345 8.42 -5.61 -3.04
CA ASP A 345 9.02 -4.66 -3.96
C ASP A 345 9.81 -5.37 -5.04
N ALA A 346 9.39 -5.13 -6.29
CA ALA A 346 10.11 -5.64 -7.47
C ALA A 346 11.42 -4.80 -7.62
N LEU A 347 12.35 -5.26 -8.44
CA LEU A 347 13.44 -4.44 -8.92
C LEU A 347 12.99 -3.27 -9.73
N CYS A 348 13.61 -2.12 -9.49
CA CYS A 348 13.37 -0.96 -10.32
C CYS A 348 14.41 -0.97 -11.41
N PHE A 349 14.00 -1.39 -12.61
CA PHE A 349 14.96 -1.50 -13.70
C PHE A 349 15.11 -0.21 -14.44
N ASN A 350 16.26 -0.03 -15.09
CA ASN A 350 16.39 0.90 -16.22
C ASN A 350 16.62 0.13 -17.49
N SER A 351 16.58 0.86 -18.60
CA SER A 351 16.57 0.19 -19.91
C SER A 351 17.85 -0.55 -20.16
N SER A 352 18.95 -0.27 -19.47
CA SER A 352 20.16 -1.06 -19.77
C SER A 352 20.32 -2.34 -18.92
N ASP A 353 19.43 -2.55 -17.98
CA ASP A 353 19.57 -3.72 -17.15
C ASP A 353 19.10 -4.99 -17.90
N ASN A 354 19.86 -6.06 -17.69
CA ASN A 354 19.51 -7.36 -18.19
C ASN A 354 18.53 -8.01 -17.22
N GLN A 355 17.23 -7.90 -17.54
CA GLN A 355 16.24 -8.45 -16.59
C GLN A 355 16.28 -9.96 -16.50
N PHE A 356 16.88 -10.60 -17.52
CA PHE A 356 17.03 -12.06 -17.55
C PHE A 356 18.33 -12.59 -16.87
N SER A 357 19.17 -11.71 -16.31
CA SER A 357 20.41 -12.19 -15.70
C SER A 357 20.07 -13.18 -14.58
N GLU A 358 20.97 -14.12 -14.39
CA GLU A 358 20.80 -15.06 -13.30
C GLU A 358 20.63 -14.33 -11.99
N VAL A 359 21.43 -13.30 -11.73
CA VAL A 359 21.30 -12.51 -10.51
C VAL A 359 19.92 -11.84 -10.40
N ASN A 360 19.42 -11.24 -11.46
CA ASN A 360 18.15 -10.51 -11.37
C ASN A 360 16.94 -11.49 -11.31
N VAL A 361 17.04 -12.62 -12.00
CA VAL A 361 15.98 -13.65 -11.99
C VAL A 361 15.97 -14.24 -10.57
N SER A 362 17.11 -14.66 -10.04
CA SER A 362 17.10 -15.23 -8.69
CA SER A 362 17.16 -15.15 -8.67
C SER A 362 16.60 -14.18 -7.65
N ARG A 363 16.92 -12.89 -7.81
CA ARG A 363 16.42 -11.85 -6.89
C ARG A 363 14.88 -11.89 -6.83
N GLU A 364 14.26 -11.92 -8.01
CA GLU A 364 12.78 -11.81 -8.12
C GLU A 364 12.11 -13.12 -7.72
N LEU A 365 12.76 -14.27 -8.00
CA LEU A 365 12.28 -15.56 -7.54
C LEU A 365 12.27 -15.56 -6.00
N ASN A 366 13.38 -15.16 -5.38
CA ASN A 366 13.42 -15.11 -3.95
C ASN A 366 12.34 -14.15 -3.37
N LYS A 367 12.23 -12.93 -3.89
CA LYS A 367 11.33 -11.94 -3.29
C LYS A 367 9.88 -12.43 -3.43
N SER A 368 9.50 -12.89 -4.61
CA SER A 368 8.14 -13.37 -4.82
C SER A 368 7.80 -14.60 -4.00
N TYR A 369 8.67 -15.61 -4.02
CA TYR A 369 8.41 -16.86 -3.33
C TYR A 369 8.40 -16.59 -1.83
N MET A 370 9.36 -15.82 -1.33
CA MET A 370 9.38 -15.50 0.12
C MET A 370 8.08 -14.86 0.55
N GLY A 371 7.51 -14.01 -0.27
CA GLY A 371 6.18 -13.40 -0.05
C GLY A 371 5.02 -14.38 -0.21
N PHE A 372 4.97 -15.10 -1.31
CA PHE A 372 3.83 -15.94 -1.64
C PHE A 372 3.67 -17.08 -0.66
N LYS A 373 4.77 -17.57 -0.08
CA LYS A 373 4.69 -18.69 0.84
C LYS A 373 4.23 -18.33 2.23
N GLN A 374 4.11 -17.01 2.52
CA GLN A 374 3.51 -16.57 3.75
C GLN A 374 2.03 -16.92 3.77
N GLU A 375 1.44 -16.94 4.98
CA GLU A 375 0.00 -17.12 5.07
C GLU A 375 -0.43 -18.35 4.31
N ASP A 376 -0.02 -19.49 4.88
CA ASP A 376 -0.23 -20.74 4.18
C ASP A 376 -1.64 -21.22 4.00
N GLN A 377 -2.58 -20.61 4.74
CA GLN A 377 -3.97 -20.86 4.66
CA GLN A 377 -3.94 -20.95 4.55
C GLN A 377 -4.66 -20.09 3.50
N LEU A 378 -3.96 -19.10 2.95
CA LEU A 378 -4.47 -18.35 1.77
C LEU A 378 -3.80 -18.97 0.58
N LYS A 379 -4.52 -19.90 -0.06
CA LYS A 379 -3.97 -20.76 -1.09
C LYS A 379 -4.03 -20.23 -2.52
N THR A 380 -4.56 -19.02 -2.63
CA THR A 380 -4.56 -18.28 -3.88
C THR A 380 -3.93 -16.92 -3.72
N ILE A 381 -3.02 -16.61 -4.64
CA ILE A 381 -2.33 -15.31 -4.73
C ILE A 381 -3.03 -14.47 -5.78
N SER A 382 -3.39 -13.24 -5.44
CA SER A 382 -4.01 -12.27 -6.39
CA SER A 382 -3.96 -12.30 -6.40
CA SER A 382 -3.97 -12.33 -6.44
C SER A 382 -2.93 -11.25 -6.76
N THR A 383 -2.47 -11.29 -8.01
CA THR A 383 -1.38 -10.45 -8.46
C THR A 383 -1.60 -10.04 -9.90
N GLY A 384 -0.53 -9.57 -10.51
CA GLY A 384 -0.62 -9.01 -11.86
C GLY A 384 0.75 -8.51 -12.30
N LYS A 385 0.77 -7.35 -12.95
CA LYS A 385 1.93 -6.77 -13.61
C LYS A 385 2.96 -6.16 -12.62
N TRP A 386 3.28 -6.95 -11.58
CA TRP A 386 4.22 -6.56 -10.54
C TRP A 386 5.55 -6.11 -11.12
N GLY A 387 5.97 -4.92 -10.76
CA GLY A 387 7.22 -4.42 -11.25
C GLY A 387 7.22 -3.93 -12.70
N CYS A 388 6.07 -3.97 -13.36
CA CYS A 388 6.03 -3.78 -14.81
C CYS A 388 5.32 -2.53 -15.22
N GLY A 389 5.20 -1.57 -14.31
CA GLY A 389 4.71 -0.24 -14.65
C GLY A 389 5.82 0.80 -14.36
N ALA A 390 5.78 1.44 -13.19
CA ALA A 390 6.79 2.38 -12.75
C ALA A 390 8.20 1.78 -12.71
N PHE A 391 8.29 0.49 -12.43
CA PHE A 391 9.56 -0.18 -12.30
C PHE A 391 10.12 -0.79 -13.61
N LEU A 392 9.43 -0.58 -14.74
CA LEU A 392 9.95 -0.87 -16.07
C LEU A 392 10.27 -2.31 -16.39
N GLY A 393 9.72 -3.23 -15.61
CA GLY A 393 9.84 -4.60 -15.92
C GLY A 393 9.09 -5.10 -17.12
N VAL A 394 9.64 -6.13 -17.77
CA VAL A 394 8.97 -6.84 -18.87
C VAL A 394 8.04 -7.91 -18.29
N PHE A 395 6.76 -7.79 -18.57
CA PHE A 395 5.76 -8.66 -17.92
C PHE A 395 5.87 -10.14 -18.30
N ASP A 396 6.36 -10.43 -19.49
CA ASP A 396 6.46 -11.82 -19.91
C ASP A 396 7.28 -12.60 -18.87
N LEU A 397 8.41 -12.01 -18.48
CA LEU A 397 9.32 -12.65 -17.51
C LEU A 397 8.75 -12.58 -16.12
N LYS A 398 8.19 -11.44 -15.71
CA LYS A 398 7.62 -11.36 -14.39
C LYS A 398 6.46 -12.35 -14.19
N PHE A 399 5.66 -12.57 -15.21
CA PHE A 399 4.62 -13.63 -15.18
C PHE A 399 5.28 -14.97 -14.88
N ALA A 400 6.29 -15.34 -15.68
CA ALA A 400 6.94 -16.63 -15.55
C ALA A 400 7.52 -16.79 -14.13
N ILE A 401 8.17 -15.76 -13.62
CA ILE A 401 8.77 -15.82 -12.27
C ILE A 401 7.69 -15.99 -11.21
N GLN A 402 6.61 -15.21 -11.28
CA GLN A 402 5.58 -15.37 -10.28
C GLN A 402 4.88 -16.72 -10.35
N TRP A 403 4.73 -17.27 -11.56
CA TRP A 403 4.12 -18.58 -11.69
C TRP A 403 5.01 -19.68 -11.09
N ILE A 404 6.30 -19.58 -11.28
CA ILE A 404 7.27 -20.49 -10.63
C ILE A 404 7.17 -20.38 -9.11
N ALA A 405 7.16 -19.14 -8.59
CA ALA A 405 7.07 -18.89 -7.16
C ALA A 405 5.75 -19.41 -6.58
N SER A 406 4.65 -19.14 -7.27
CA SER A 406 3.32 -19.60 -6.78
C SER A 406 3.33 -21.12 -6.70
N SER A 407 3.85 -21.75 -7.74
CA SER A 407 3.86 -23.16 -7.87
C SER A 407 4.70 -23.80 -6.77
N ARG A 408 5.88 -23.22 -6.51
CA ARG A 408 6.74 -23.75 -5.43
C ARG A 408 6.03 -23.64 -4.07
N SER A 409 5.26 -22.57 -3.88
CA SER A 409 4.56 -22.36 -2.64
CA SER A 409 4.50 -22.33 -2.66
C SER A 409 3.30 -23.28 -2.56
N ASN A 410 3.02 -24.04 -3.63
CA ASN A 410 1.82 -24.89 -3.72
C ASN A 410 0.54 -24.08 -3.62
N LYS A 411 0.53 -22.97 -4.33
CA LYS A 411 -0.64 -22.07 -4.40
C LYS A 411 -1.04 -21.86 -5.85
N LYS A 412 -2.28 -21.51 -6.02
CA LYS A 412 -2.85 -21.03 -7.28
C LYS A 412 -2.65 -19.54 -7.38
N MET A 413 -2.73 -19.01 -8.60
CA MET A 413 -2.47 -17.61 -8.85
C MET A 413 -3.57 -17.06 -9.76
N ILE A 414 -3.97 -15.84 -9.41
CA ILE A 414 -4.82 -15.04 -10.29
C ILE A 414 -3.90 -13.94 -10.83
N ILE A 415 -3.95 -13.78 -12.15
CA ILE A 415 -3.24 -12.72 -12.87
C ILE A 415 -4.23 -11.78 -13.51
N CYS A 416 -4.16 -10.52 -13.03
CA CYS A 416 -4.89 -9.41 -13.59
C CYS A 416 -4.05 -8.76 -14.66
N THR A 417 -4.61 -8.66 -15.85
CA THR A 417 -3.84 -8.06 -16.98
C THR A 417 -4.08 -6.58 -17.19
N PHE A 418 -5.05 -5.99 -16.47
CA PHE A 418 -5.23 -4.52 -16.51
C PHE A 418 -5.67 -4.06 -17.85
N GLN A 419 -6.72 -4.71 -18.33
CA GLN A 419 -7.34 -4.35 -19.64
C GLN A 419 -6.37 -4.42 -20.81
N ASP A 420 -5.70 -5.57 -20.92
CA ASP A 420 -4.69 -5.84 -21.94
C ASP A 420 -5.01 -7.24 -22.54
N GLU A 421 -5.86 -7.23 -23.55
CA GLU A 421 -6.44 -8.46 -24.12
C GLU A 421 -5.39 -9.29 -24.81
N GLN A 422 -4.42 -8.67 -25.45
CA GLN A 422 -3.38 -9.38 -26.13
C GLN A 422 -2.49 -10.18 -25.19
N THR A 423 -2.13 -9.61 -24.04
CA THR A 423 -1.42 -10.31 -23.02
C THR A 423 -2.26 -11.44 -22.45
N THR A 424 -3.51 -11.20 -22.21
CA THR A 424 -4.37 -12.31 -21.74
C THR A 424 -4.31 -13.52 -22.69
N LYS A 425 -4.44 -13.26 -24.00
CA LYS A 425 -4.42 -14.33 -24.98
C LYS A 425 -3.10 -15.07 -25.00
N GLN A 426 -2.01 -14.36 -24.90
CA GLN A 426 -0.66 -14.97 -24.94
C GLN A 426 -0.45 -15.82 -23.69
N ILE A 427 -0.77 -15.27 -22.52
CA ILE A 427 -0.59 -15.99 -21.26
C ILE A 427 -1.48 -17.21 -21.26
N GLN A 428 -2.72 -17.09 -21.77
CA GLN A 428 -3.60 -18.26 -21.77
C GLN A 428 -2.95 -19.39 -22.59
N GLN A 429 -2.32 -19.05 -23.72
CA GLN A 429 -1.69 -20.09 -24.51
C GLN A 429 -0.52 -20.73 -23.77
N VAL A 430 0.27 -19.90 -23.09
CA VAL A 430 1.46 -20.43 -22.37
C VAL A 430 0.99 -21.27 -21.21
N PHE A 431 -0.06 -20.80 -20.54
CA PHE A 431 -0.59 -21.59 -19.43
C PHE A 431 -1.09 -22.94 -19.93
N ASP A 432 -1.86 -22.96 -21.01
CA ASP A 432 -2.41 -24.23 -21.51
C ASP A 432 -1.32 -25.23 -21.89
N LEU A 433 -0.20 -24.71 -22.42
CA LEU A 433 0.92 -25.55 -22.82
C LEU A 433 1.72 -26.09 -21.63
N TYR A 434 2.01 -25.22 -20.67
CA TYR A 434 2.94 -25.58 -19.59
C TYR A 434 2.32 -26.00 -18.25
N LYS A 435 0.98 -25.87 -18.11
CA LYS A 435 0.33 -26.25 -16.85
C LYS A 435 0.68 -27.70 -16.51
N GLN A 436 0.97 -27.91 -15.24
CA GLN A 436 1.36 -29.18 -14.69
C GLN A 436 2.66 -29.77 -15.24
N LYS A 437 3.44 -28.94 -15.93
CA LYS A 437 4.77 -29.36 -16.36
C LYS A 437 5.81 -29.01 -15.30
N ASN A 438 7.00 -29.61 -15.47
CA ASN A 438 8.10 -29.44 -14.49
C ASN A 438 8.60 -27.97 -14.48
N ALA A 439 8.58 -27.36 -13.31
CA ALA A 439 8.97 -25.98 -13.12
C ALA A 439 10.43 -25.71 -13.32
N SER A 440 11.30 -26.68 -12.95
CA SER A 440 12.74 -26.50 -13.12
CA SER A 440 12.74 -26.48 -13.13
C SER A 440 13.09 -26.40 -14.63
N ILE A 441 12.47 -27.28 -15.41
CA ILE A 441 12.73 -27.27 -16.84
C ILE A 441 12.10 -26.05 -17.48
N PHE A 442 10.93 -25.67 -17.04
CA PHE A 442 10.33 -24.40 -17.51
C PHE A 442 11.28 -23.18 -17.25
N LEU A 443 11.82 -23.10 -16.04
CA LEU A 443 12.75 -22.02 -15.74
C LEU A 443 13.95 -22.07 -16.69
N LYS A 444 14.49 -23.27 -16.94
CA LYS A 444 15.61 -23.36 -17.87
C LYS A 444 15.25 -22.96 -19.29
N LEU A 445 14.05 -23.30 -19.74
CA LEU A 445 13.61 -22.84 -21.06
C LEU A 445 13.52 -21.34 -21.12
N VAL A 446 12.96 -20.70 -20.11
CA VAL A 446 12.95 -19.23 -20.00
C VAL A 446 14.32 -18.63 -20.11
N MET A 447 15.28 -19.25 -19.42
CA MET A 447 16.60 -18.69 -19.32
C MET A 447 17.42 -18.94 -20.63
N ASP A 448 16.99 -19.86 -21.49
CA ASP A 448 17.55 -20.08 -22.79
C ASP A 448 17.13 -19.00 -23.77
N TYR A 449 16.04 -18.29 -23.54
CA TYR A 449 15.52 -17.34 -24.54
C TYR A 449 16.48 -16.29 -25.03
N PRO A 450 17.19 -15.60 -24.13
CA PRO A 450 18.00 -14.50 -24.61
C PRO A 450 19.12 -14.85 -25.55
N ASN A 451 19.62 -16.07 -25.50
CA ASN A 451 20.71 -16.51 -26.43
C ASN A 451 20.15 -17.31 -27.61
N SER A 452 18.82 -17.49 -27.65
CA SER A 452 18.20 -18.25 -28.66
C SER A 452 18.03 -17.47 -29.97
N LYS A 453 17.73 -18.26 -30.97
CA LYS A 453 17.43 -17.72 -32.29
C LYS A 453 16.11 -16.98 -32.36
N TYR A 454 15.36 -17.05 -31.29
CA TYR A 454 14.10 -16.38 -31.21
C TYR A 454 14.13 -14.98 -30.60
N MET A 455 15.25 -14.62 -29.96
CA MET A 455 15.33 -13.37 -29.20
C MET A 455 15.06 -12.15 -30.06
N GLU A 456 15.53 -12.20 -31.30
CA GLU A 456 15.42 -11.02 -32.12
C GLU A 456 14.01 -10.64 -32.52
N ASP A 457 13.24 -11.63 -32.91
CA ASP A 457 11.89 -11.44 -33.47
C ASP A 457 10.70 -11.89 -32.64
N TYR A 458 10.96 -12.51 -31.47
CA TYR A 458 9.87 -13.04 -30.65
C TYR A 458 10.03 -12.50 -29.26
N THR A 459 8.87 -12.23 -28.61
CA THR A 459 8.88 -11.97 -27.16
C THR A 459 9.09 -13.30 -26.42
N LEU A 460 9.38 -13.20 -25.12
CA LEU A 460 9.44 -14.42 -24.31
C LEU A 460 8.20 -15.28 -24.40
N LEU A 461 7.02 -14.69 -24.24
CA LEU A 461 5.82 -15.50 -24.35
C LEU A 461 5.66 -16.14 -25.73
N GLU A 462 5.99 -15.39 -26.75
CA GLU A 462 5.89 -15.91 -28.12
C GLU A 462 6.85 -17.09 -28.34
N TYR A 463 8.04 -16.96 -27.80
CA TYR A 463 9.02 -18.06 -27.84
C TYR A 463 8.52 -19.31 -27.09
N LEU A 464 7.94 -19.15 -25.89
CA LEU A 464 7.41 -20.28 -25.15
C LEU A 464 6.32 -21.02 -25.93
N ILE A 465 5.49 -20.28 -26.65
CA ILE A 465 4.49 -20.87 -27.54
C ILE A 465 5.16 -21.56 -28.72
N GLU A 466 6.15 -20.92 -29.36
CA GLU A 466 6.82 -21.52 -30.50
C GLU A 466 7.48 -22.89 -30.19
N LEU A 467 7.95 -23.08 -28.94
CA LEU A 467 8.55 -24.33 -28.57
C LEU A 467 7.59 -25.48 -28.69
N GLY A 468 6.31 -25.18 -28.65
CA GLY A 468 5.29 -26.22 -28.80
C GLY A 468 4.72 -26.45 -30.20
N LYS A 469 5.19 -25.65 -31.14
CA LYS A 469 4.59 -25.65 -32.52
C LYS A 469 5.18 -26.89 -33.21
N1 AR6 B . 1.74 8.61 -11.28
C2 AR6 B . 1.57 8.40 -9.96
N3 AR6 B . 2.52 7.79 -9.21
C4 AR6 B . 3.61 7.31 -9.84
C5 AR6 B . 3.80 7.50 -11.20
C6 AR6 B . 2.84 8.17 -11.96
N6 AR6 B . 2.99 8.36 -13.33
N7 AR6 B . 4.95 6.86 -11.52
C8 AR6 B . 5.44 6.36 -10.39
N9 AR6 B . 4.62 6.60 -9.31
PA AR6 B . 6.83 10.86 -5.28
PB AR6 B . 7.51 12.60 -7.63
C1' AR6 B . 4.77 6.16 -7.89
O1A AR6 B . 6.04 11.62 -4.23
O1B AR6 B . 6.32 13.42 -8.36
C2' AR6 B . 5.93 5.13 -7.70
O2' AR6 B . 5.67 4.35 -6.60
O2A AR6 B . 8.32 10.80 -5.04
O2B AR6 B . 8.35 11.62 -8.49
C3' AR6 B . 7.09 6.10 -7.31
O3' AR6 B . 8.13 5.34 -6.63
O3A AR6 B . 6.60 11.52 -6.73
C4' AR6 B . 6.41 7.14 -6.44
O4' AR6 B . 5.19 7.31 -7.17
C5' AR6 B . 7.11 8.53 -6.45
O5' AR6 B . 6.34 9.39 -5.48
O5D AR6 B . 8.43 13.44 -6.72
N1 AR6 C . -4.81 -4.48 -9.80
C2 AR6 C . -4.09 -5.13 -10.75
N3 AR6 C . -3.19 -4.53 -11.60
C4 AR6 C . -2.95 -3.24 -11.37
C5 AR6 C . -3.69 -2.52 -10.46
C6 AR6 C . -4.58 -3.14 -9.63
N6 AR6 C . -5.32 -2.49 -8.69
N7 AR6 C . -3.22 -1.24 -10.52
C8 AR6 C . -2.31 -1.19 -11.50
N9 AR6 C . -2.13 -2.42 -12.06
PA AR6 C . 2.87 -0.08 -10.65
PB AR6 C . 5.58 -1.27 -10.15
C1' AR6 C . -1.18 -2.79 -13.13
O1A AR6 C . 3.47 0.71 -11.78
O1B AR6 C . 5.89 -2.48 -9.28
C1D AR6 C . 5.02 3.05 -6.77
C2' AR6 C . -0.91 -1.76 -14.17
O2' AR6 C . -0.80 -2.44 -15.44
O2A AR6 C . 2.16 0.62 -9.55
O2B AR6 C . 5.98 -1.23 -11.58
C2D AR6 C . 5.45 2.13 -5.64
O2D AR6 C . 5.51 2.81 -4.42
C3' AR6 C . 0.34 -1.16 -13.74
O3' AR6 C . 1.11 -0.50 -14.81
O3A AR6 C . 3.95 -1.07 -9.98
C3D AR6 C . 6.89 1.77 -6.13
O3D AR6 C . 7.85 2.75 -5.91
C4' AR6 C . 1.07 -2.36 -13.20
O4' AR6 C . 0.05 -3.08 -12.50
C4D AR6 C . 6.62 1.57 -7.65
O4D AR6 C . 5.45 2.43 -7.98
C5' AR6 C . 2.20 -2.03 -12.26
O5' AR6 C . 1.82 -1.15 -11.22
C5D AR6 C . 6.35 0.15 -8.04
O5D AR6 C . 6.18 0.08 -9.49
#